data_5IGT
#
_entry.id   5IGT
#
_cell.length_a   45.270
_cell.length_b   45.270
_cell.length_c   247.050
_cell.angle_alpha   90.000
_cell.angle_beta   90.000
_cell.angle_gamma   120.000
#
_symmetry.space_group_name_H-M   'P 32 2 1'
#
loop_
_entity.id
_entity.type
_entity.pdbx_description
1 polymer "Macrolide 2'-phosphotransferase"
2 non-polymer GUANOSINE
3 non-polymer 'ERYTHROMYCIN A'
4 non-polymer 2-AMINO-2-HYDROXYMETHYL-PROPANE-1,3-DIOL
5 water water
#
_entity_poly.entity_id   1
_entity_poly.type   'polypeptide(L)'
_entity_poly.pdbx_seq_one_letter_code
;MTVVTTADTSQLYALAARHGLKLHGPLTVNELGLDYRIVIATVDDGRRWVLRIPRRAEVSAKVEPEARVLAMLKNRLPFA
VPDWRVANAELVAYPMLEDSTAMVIQPGSSTPDWVVPQDSEVFAESFATALAALHAVPISAAVDAGMLIRTPTQARQKVA
DDVDRVRREFVVNDKRLHRWQRWLDDDSSWPDFSVVVHGDLYVGHVLIDNTERVSGMIDWSEARVDDPAIDMAAHLMVFG
EEGLAKLLLTYEAAGGRVWPRLAHHIAERLAFGAVTYALFALDSGNEEYLAAAKAQLAAAE
;
_entity_poly.pdbx_strand_id   A
#
# COMPACT_ATOMS: atom_id res chain seq x y z
N THR A 2 -6.80 29.70 -26.74
CA THR A 2 -6.04 28.97 -25.72
C THR A 2 -6.94 28.59 -24.56
N VAL A 3 -6.65 27.44 -23.95
CA VAL A 3 -7.40 26.93 -22.81
C VAL A 3 -6.46 26.57 -21.66
N VAL A 4 -6.71 27.14 -20.48
CA VAL A 4 -5.90 26.77 -19.30
C VAL A 4 -6.16 25.33 -18.94
N THR A 5 -5.08 24.58 -18.72
CA THR A 5 -5.19 23.18 -18.35
C THR A 5 -4.31 22.95 -17.14
N THR A 6 -4.66 21.96 -16.33
CA THR A 6 -3.94 21.70 -15.09
C THR A 6 -2.53 21.16 -15.37
N ALA A 7 -2.38 20.29 -16.37
CA ALA A 7 -1.07 19.73 -16.69
C ALA A 7 -0.22 20.77 -17.38
N ASP A 8 1.06 20.81 -17.01
CA ASP A 8 2.04 21.62 -17.73
C ASP A 8 2.70 20.74 -18.77
N THR A 9 2.11 20.67 -19.96
CA THR A 9 2.54 19.70 -20.97
C THR A 9 3.99 19.90 -21.39
N SER A 10 4.42 21.16 -21.49
CA SER A 10 5.79 21.45 -21.92
C SER A 10 6.81 20.96 -20.91
N GLN A 11 6.56 21.21 -19.62
CA GLN A 11 7.47 20.75 -18.59
C GLN A 11 7.45 19.23 -18.48
N LEU A 12 6.28 18.62 -18.58
CA LEU A 12 6.19 17.16 -18.53
C LEU A 12 6.92 16.53 -19.71
N TYR A 13 6.77 17.10 -20.89
CA TYR A 13 7.44 16.56 -22.07
C TYR A 13 8.94 16.58 -21.86
N ALA A 14 9.45 17.71 -21.41
CA ALA A 14 10.89 17.86 -21.22
C ALA A 14 11.43 16.86 -20.18
N LEU A 15 10.71 16.74 -19.07
CA LEU A 15 11.08 15.80 -18.02
C LEU A 15 11.15 14.38 -18.56
N ALA A 16 10.08 13.94 -19.21
CA ALA A 16 10.04 12.59 -19.78
C ALA A 16 11.15 12.39 -20.81
N ALA A 17 11.37 13.37 -21.67
CA ALA A 17 12.36 13.24 -22.73
C ALA A 17 13.78 13.08 -22.17
N ARG A 18 14.07 13.71 -21.02
CA ARG A 18 15.36 13.55 -20.37
C ARG A 18 15.62 12.11 -19.97
N HIS A 19 14.55 11.30 -19.92
CA HIS A 19 14.66 9.92 -19.48
C HIS A 19 14.22 8.94 -20.55
N GLY A 20 14.24 9.41 -21.79
CA GLY A 20 14.06 8.53 -22.93
C GLY A 20 12.63 8.23 -23.30
N LEU A 21 11.68 8.99 -22.75
CA LEU A 21 10.27 8.80 -23.07
C LEU A 21 9.73 10.00 -23.85
N LYS A 22 9.07 9.75 -24.99
CA LYS A 22 8.54 10.81 -25.80
C LYS A 22 7.03 10.87 -25.63
N LEU A 23 6.54 11.88 -24.92
CA LEU A 23 5.12 12.00 -24.68
C LEU A 23 4.42 12.52 -25.91
N HIS A 24 3.27 11.92 -26.22
CA HIS A 24 2.47 12.31 -27.38
C HIS A 24 1.08 11.78 -27.18
N GLY A 25 0.11 12.68 -27.10
CA GLY A 25 -1.28 12.29 -26.93
C GLY A 25 -1.82 12.61 -25.54
N PRO A 26 -2.98 12.05 -25.21
CA PRO A 26 -3.74 12.40 -24.02
C PRO A 26 -2.95 12.19 -22.74
N LEU A 27 -3.10 13.08 -21.76
CA LEU A 27 -2.65 12.75 -20.43
C LEU A 27 -3.60 13.25 -19.35
N THR A 28 -3.36 12.77 -18.12
N THR A 28 -3.37 12.75 -18.12
CA THR A 28 -4.20 13.08 -16.98
CA THR A 28 -4.20 13.03 -16.96
C THR A 28 -3.31 13.24 -15.75
C THR A 28 -3.31 13.23 -15.75
N VAL A 29 -3.69 14.12 -14.83
CA VAL A 29 -2.80 14.50 -13.73
C VAL A 29 -3.46 14.47 -12.38
N ASN A 30 -2.82 13.81 -11.43
CA ASN A 30 -3.27 13.79 -10.05
C ASN A 30 -2.23 14.47 -9.19
N GLU A 31 -2.59 15.63 -8.67
CA GLU A 31 -1.70 16.47 -7.88
C GLU A 31 -2.06 16.40 -6.40
N LEU A 32 -2.93 15.47 -6.04
CA LEU A 32 -3.47 15.45 -4.68
C LEU A 32 -2.54 14.71 -3.73
N GLY A 33 -1.60 13.94 -4.28
CA GLY A 33 -0.61 13.26 -3.48
C GLY A 33 0.33 14.26 -2.82
N LEU A 34 0.66 14.00 -1.57
CA LEU A 34 1.51 14.93 -0.83
C LEU A 34 2.98 14.80 -1.20
N ASP A 35 3.34 13.66 -1.78
CA ASP A 35 4.74 13.35 -2.03
C ASP A 35 5.09 13.21 -3.51
N TYR A 36 4.11 12.83 -4.33
CA TYR A 36 4.34 12.64 -5.76
C TYR A 36 3.23 13.28 -6.55
N ARG A 37 3.57 13.78 -7.73
N ARG A 37 3.58 13.77 -7.73
CA ARG A 37 2.57 14.08 -8.75
CA ARG A 37 2.60 14.06 -8.76
C ARG A 37 2.48 12.83 -9.62
C ARG A 37 2.48 12.82 -9.62
N ILE A 38 1.26 12.42 -9.95
CA ILE A 38 1.07 11.19 -10.73
C ILE A 38 0.41 11.58 -12.02
N VAL A 39 1.07 11.28 -13.12
CA VAL A 39 0.54 11.60 -14.44
C VAL A 39 0.39 10.30 -15.21
N ILE A 40 -0.77 10.10 -15.83
CA ILE A 40 -0.87 9.02 -16.80
C ILE A 40 -0.84 9.64 -18.19
N ALA A 41 0.17 9.29 -18.97
CA ALA A 41 0.48 9.93 -20.22
C ALA A 41 0.60 8.93 -21.34
N THR A 42 0.27 9.36 -22.55
CA THR A 42 0.45 8.53 -23.72
C THR A 42 1.84 8.82 -24.28
N VAL A 43 2.52 7.78 -24.69
CA VAL A 43 3.88 7.88 -25.21
C VAL A 43 3.87 7.48 -26.69
N ASP A 44 4.93 7.80 -27.42
CA ASP A 44 4.98 7.53 -28.86
C ASP A 44 4.98 6.03 -29.17
N ASP A 45 5.01 5.17 -28.16
CA ASP A 45 4.82 3.74 -28.39
C ASP A 45 3.33 3.36 -28.46
N GLY A 46 2.45 4.37 -28.39
CA GLY A 46 1.00 4.15 -28.39
C GLY A 46 0.46 3.72 -27.03
N ARG A 47 1.39 3.51 -26.12
CA ARG A 47 1.07 2.98 -24.82
C ARG A 47 0.90 4.09 -23.80
N ARG A 48 0.10 3.82 -22.80
CA ARG A 48 0.05 4.72 -21.66
C ARG A 48 1.11 4.33 -20.64
N TRP A 49 1.74 5.36 -20.09
CA TRP A 49 2.72 5.19 -19.02
C TRP A 49 2.31 6.02 -17.80
N VAL A 50 2.68 5.51 -16.64
CA VAL A 50 2.52 6.23 -15.40
C VAL A 50 3.82 6.98 -15.10
N LEU A 51 3.72 8.29 -14.92
CA LEU A 51 4.85 9.11 -14.47
C LEU A 51 4.61 9.42 -13.01
N ARG A 52 5.52 8.95 -12.19
CA ARG A 52 5.47 9.12 -10.75
C ARG A 52 6.60 10.10 -10.42
N ILE A 53 6.22 11.35 -10.13
CA ILE A 53 7.17 12.46 -10.09
C ILE A 53 7.39 12.87 -8.64
N PRO A 54 8.53 12.52 -8.05
CA PRO A 54 8.77 12.93 -6.66
C PRO A 54 8.77 14.45 -6.54
N ARG A 55 8.15 14.96 -5.49
CA ARG A 55 8.03 16.42 -5.33
C ARG A 55 9.24 17.07 -4.67
N ARG A 56 9.96 16.31 -3.84
CA ARG A 56 10.99 16.90 -2.98
C ARG A 56 12.10 15.93 -2.72
N ALA A 57 13.25 16.44 -2.29
CA ALA A 57 14.44 15.63 -2.09
C ALA A 57 14.21 14.43 -1.18
N GLU A 58 13.47 14.62 -0.10
CA GLU A 58 13.22 13.53 0.82
C GLU A 58 12.37 12.40 0.23
N VAL A 59 11.56 12.72 -0.76
CA VAL A 59 10.82 11.70 -1.47
C VAL A 59 11.70 11.00 -2.49
N SER A 60 12.48 11.79 -3.22
CA SER A 60 13.40 11.24 -4.21
C SER A 60 14.32 10.21 -3.60
N ALA A 61 14.71 10.42 -2.35
CA ALA A 61 15.60 9.48 -1.66
C ALA A 61 15.02 8.07 -1.55
N LYS A 62 13.72 7.94 -1.69
CA LYS A 62 13.06 6.65 -1.53
C LYS A 62 13.02 5.85 -2.83
N VAL A 63 13.35 6.49 -3.95
CA VAL A 63 13.19 5.81 -5.25
C VAL A 63 14.11 4.61 -5.43
N GLU A 64 15.39 4.77 -5.12
CA GLU A 64 16.32 3.68 -5.39
C GLU A 64 16.02 2.41 -4.59
N PRO A 65 15.76 2.53 -3.28
CA PRO A 65 15.40 1.30 -2.56
C PRO A 65 14.11 0.64 -3.07
N GLU A 66 13.09 1.43 -3.43
CA GLU A 66 11.87 0.82 -3.94
C GLU A 66 12.12 0.13 -5.27
N ALA A 67 12.98 0.72 -6.09
CA ALA A 67 13.28 0.12 -7.37
C ALA A 67 13.90 -1.27 -7.17
N ARG A 68 14.74 -1.41 -6.17
CA ARG A 68 15.33 -2.73 -5.86
C ARG A 68 14.30 -3.73 -5.43
N VAL A 69 13.34 -3.31 -4.59
CA VAL A 69 12.22 -4.17 -4.23
C VAL A 69 11.46 -4.68 -5.44
N LEU A 70 11.05 -3.78 -6.32
CA LEU A 70 10.26 -4.18 -7.49
C LEU A 70 11.02 -5.08 -8.42
N ALA A 71 12.32 -4.83 -8.55
CA ALA A 71 13.12 -5.69 -9.42
C ALA A 71 13.19 -7.11 -8.89
N MET A 72 13.23 -7.24 -7.58
CA MET A 72 13.26 -8.56 -6.97
C MET A 72 11.93 -9.26 -7.09
N LEU A 73 10.87 -8.50 -6.90
CA LEU A 73 9.54 -9.09 -6.87
C LEU A 73 9.04 -9.58 -8.26
N LYS A 74 9.56 -9.02 -9.33
CA LYS A 74 8.98 -9.22 -10.66
C LYS A 74 8.77 -10.69 -11.00
N ASN A 75 9.85 -11.50 -10.99
CA ASN A 75 9.71 -12.92 -11.30
C ASN A 75 9.13 -13.79 -10.21
N ARG A 76 8.98 -13.24 -9.01
CA ARG A 76 8.62 -14.03 -7.86
C ARG A 76 7.15 -13.88 -7.48
N LEU A 77 6.38 -13.17 -8.30
CA LEU A 77 4.96 -13.02 -8.04
C LEU A 77 4.21 -13.47 -9.29
N PRO A 78 3.09 -14.20 -9.11
CA PRO A 78 2.27 -14.66 -10.24
C PRO A 78 1.23 -13.62 -10.63
N PHE A 79 1.59 -12.36 -10.44
CA PHE A 79 0.78 -11.26 -10.87
C PHE A 79 1.72 -10.09 -11.16
N ALA A 80 1.19 -9.08 -11.81
CA ALA A 80 2.01 -7.98 -12.29
C ALA A 80 2.28 -6.96 -11.19
N VAL A 81 3.46 -6.35 -11.29
CA VAL A 81 3.80 -5.17 -10.49
C VAL A 81 4.38 -4.12 -11.45
N PRO A 82 4.42 -2.86 -11.05
CA PRO A 82 4.99 -1.84 -11.94
C PRO A 82 6.42 -2.18 -12.36
N ASP A 83 6.69 -1.99 -13.64
CA ASP A 83 7.98 -2.25 -14.25
C ASP A 83 8.64 -0.89 -14.44
N TRP A 84 9.43 -0.49 -13.46
CA TRP A 84 10.05 0.84 -13.44
C TRP A 84 11.22 0.96 -14.42
N ARG A 85 10.87 1.14 -15.69
CA ARG A 85 11.87 1.24 -16.73
C ARG A 85 12.65 2.55 -16.63
N VAL A 86 12.05 3.54 -15.96
CA VAL A 86 12.76 4.74 -15.53
C VAL A 86 12.64 4.83 -14.02
N ALA A 87 13.75 5.01 -13.33
CA ALA A 87 13.73 5.14 -11.89
C ALA A 87 14.88 5.98 -11.43
N ASN A 88 14.61 7.24 -11.15
CA ASN A 88 15.64 8.15 -10.67
C ASN A 88 15.01 9.23 -9.83
N ALA A 89 15.85 10.10 -9.28
CA ALA A 89 15.39 11.06 -8.29
C ALA A 89 14.34 12.01 -8.86
N GLU A 90 14.39 12.32 -10.16
CA GLU A 90 13.41 13.26 -10.66
C GLU A 90 12.20 12.60 -11.33
N LEU A 91 12.26 11.30 -11.60
CA LEU A 91 11.16 10.64 -12.30
C LEU A 91 11.23 9.13 -12.13
N VAL A 92 10.10 8.55 -11.80
CA VAL A 92 9.82 7.13 -11.98
C VAL A 92 8.80 7.00 -13.08
N ALA A 93 9.01 6.06 -14.00
CA ALA A 93 8.03 5.84 -15.04
C ALA A 93 7.93 4.37 -15.37
N TYR A 94 6.71 3.92 -15.58
CA TYR A 94 6.42 2.53 -15.92
C TYR A 94 5.26 2.46 -16.88
N PRO A 95 5.27 1.46 -17.77
CA PRO A 95 4.09 1.26 -18.61
C PRO A 95 2.87 1.02 -17.75
N MET A 96 1.75 1.66 -18.05
N MET A 96 1.76 1.65 -18.08
CA MET A 96 0.59 1.50 -17.21
CA MET A 96 0.55 1.50 -17.32
C MET A 96 0.10 0.06 -17.26
C MET A 96 0.10 0.03 -17.28
N LEU A 97 -0.25 -0.47 -16.10
CA LEU A 97 -0.92 -1.77 -16.00
C LEU A 97 -2.40 -1.45 -16.20
N GLU A 98 -2.94 -1.82 -17.34
CA GLU A 98 -4.22 -1.24 -17.74
C GLU A 98 -5.41 -1.84 -17.03
N ASP A 99 -5.23 -2.96 -16.35
CA ASP A 99 -6.33 -3.54 -15.59
C ASP A 99 -6.78 -2.54 -14.52
N SER A 100 -8.05 -2.54 -14.22
CA SER A 100 -8.62 -1.64 -13.24
C SER A 100 -8.13 -1.98 -11.84
N THR A 101 -8.04 -0.98 -10.97
CA THR A 101 -8.02 -1.21 -9.54
C THR A 101 -9.35 -1.86 -9.08
N ALA A 102 -9.31 -2.52 -7.93
CA ALA A 102 -10.49 -3.22 -7.41
C ALA A 102 -11.42 -2.27 -6.67
N MET A 103 -11.12 -1.00 -6.78
N MET A 103 -11.05 -0.98 -6.65
CA MET A 103 -12.08 0.01 -6.43
CA MET A 103 -11.89 0.14 -6.15
C MET A 103 -11.75 1.21 -7.26
C MET A 103 -11.70 1.35 -7.07
N VAL A 104 -12.80 1.92 -7.58
CA VAL A 104 -12.72 3.09 -8.42
C VAL A 104 -13.20 4.29 -7.63
N ILE A 105 -12.41 5.36 -7.64
CA ILE A 105 -12.77 6.59 -6.93
C ILE A 105 -12.30 7.79 -7.72
N GLN A 106 -13.13 8.84 -7.73
CA GLN A 106 -12.80 10.06 -8.44
C GLN A 106 -11.83 10.83 -7.55
N PRO A 107 -10.77 11.40 -8.15
CA PRO A 107 -9.77 12.11 -7.34
C PRO A 107 -10.41 13.20 -6.50
N GLY A 108 -10.04 13.25 -5.21
CA GLY A 108 -10.57 14.24 -4.30
C GLY A 108 -11.81 13.76 -3.56
N SER A 109 -12.51 12.79 -4.13
CA SER A 109 -13.73 12.27 -3.54
C SER A 109 -13.44 11.45 -2.29
N SER A 110 -14.37 11.48 -1.34
CA SER A 110 -14.26 10.66 -0.15
C SER A 110 -15.07 9.36 -0.26
N THR A 111 -15.76 9.19 -1.39
CA THR A 111 -16.63 8.03 -1.58
C THR A 111 -16.30 7.36 -2.92
N PRO A 112 -15.95 6.07 -2.89
CA PRO A 112 -15.67 5.38 -4.17
C PRO A 112 -16.90 5.33 -5.06
N ASP A 113 -16.69 5.29 -6.36
CA ASP A 113 -17.76 4.96 -7.29
C ASP A 113 -18.15 3.51 -7.17
N TRP A 114 -17.16 2.65 -6.89
CA TRP A 114 -17.37 1.21 -6.99
C TRP A 114 -16.26 0.49 -6.24
N VAL A 115 -16.63 -0.62 -5.63
CA VAL A 115 -15.66 -1.53 -5.01
C VAL A 115 -16.08 -2.92 -5.47
N VAL A 116 -15.10 -3.77 -5.78
CA VAL A 116 -15.39 -5.15 -6.16
C VAL A 116 -16.34 -5.76 -5.11
N PRO A 117 -17.41 -6.44 -5.57
CA PRO A 117 -18.44 -6.84 -4.60
C PRO A 117 -18.00 -7.89 -3.61
N GLN A 118 -18.63 -7.80 -2.44
CA GLN A 118 -18.50 -8.77 -1.37
C GLN A 118 -18.67 -10.20 -1.87
N ASP A 119 -19.65 -10.40 -2.75
CA ASP A 119 -19.98 -11.74 -3.21
C ASP A 119 -19.19 -12.17 -4.45
N SER A 120 -18.14 -11.43 -4.80
CA SER A 120 -17.27 -11.87 -5.89
C SER A 120 -16.33 -12.96 -5.39
N GLU A 121 -16.66 -14.20 -5.69
CA GLU A 121 -15.84 -15.30 -5.21
C GLU A 121 -14.52 -15.30 -5.93
N VAL A 122 -14.53 -14.96 -7.21
CA VAL A 122 -13.29 -14.92 -7.97
C VAL A 122 -12.32 -13.91 -7.36
N PHE A 123 -12.80 -12.71 -7.00
CA PHE A 123 -11.91 -11.76 -6.36
C PHE A 123 -11.42 -12.29 -5.01
N ALA A 124 -12.34 -12.72 -4.18
CA ALA A 124 -11.95 -13.17 -2.84
C ALA A 124 -10.87 -14.24 -2.92
N GLU A 125 -11.13 -15.24 -3.75
CA GLU A 125 -10.27 -16.38 -3.82
C GLU A 125 -8.90 -16.02 -4.38
N SER A 126 -8.88 -15.25 -5.47
CA SER A 126 -7.63 -14.89 -6.10
C SER A 126 -6.85 -13.87 -5.28
N PHE A 127 -7.52 -13.05 -4.49
CA PHE A 127 -6.79 -12.17 -3.58
C PHE A 127 -6.11 -13.03 -2.50
N ALA A 128 -6.80 -14.04 -1.99
CA ALA A 128 -6.22 -14.90 -0.97
C ALA A 128 -5.00 -15.63 -1.49
N THR A 129 -5.07 -16.18 -2.70
CA THR A 129 -3.93 -16.91 -3.24
C THR A 129 -2.81 -15.95 -3.64
N ALA A 130 -3.16 -14.76 -4.10
CA ALA A 130 -2.14 -13.77 -4.45
C ALA A 130 -1.38 -13.34 -3.19
N LEU A 131 -2.11 -13.18 -2.10
CA LEU A 131 -1.49 -12.77 -0.86
C LEU A 131 -0.58 -13.88 -0.33
N ALA A 132 -1.04 -15.12 -0.38
CA ALA A 132 -0.19 -16.25 0.02
C ALA A 132 1.09 -16.27 -0.82
N ALA A 133 0.96 -16.00 -2.10
CA ALA A 133 2.15 -15.96 -2.97
C ALA A 133 3.11 -14.86 -2.55
N LEU A 134 2.62 -13.65 -2.30
CA LEU A 134 3.48 -12.58 -1.86
C LEU A 134 4.19 -12.96 -0.56
N HIS A 135 3.44 -13.50 0.39
CA HIS A 135 4.01 -13.81 1.70
C HIS A 135 4.94 -15.02 1.67
N ALA A 136 4.99 -15.70 0.54
CA ALA A 136 5.91 -16.80 0.33
C ALA A 136 7.24 -16.37 -0.29
N VAL A 137 7.37 -15.09 -0.66
CA VAL A 137 8.66 -14.64 -1.22
C VAL A 137 9.73 -14.85 -0.14
N PRO A 138 10.84 -15.52 -0.47
CA PRO A 138 11.82 -15.82 0.57
C PRO A 138 12.41 -14.58 1.22
N ILE A 139 12.62 -14.67 2.53
N ILE A 139 12.60 -14.63 2.52
CA ILE A 139 13.32 -13.62 3.27
CA ILE A 139 13.25 -13.52 3.21
C ILE A 139 14.69 -13.34 2.65
C ILE A 139 14.67 -13.29 2.70
N SER A 140 15.39 -14.39 2.23
N SER A 140 15.35 -14.35 2.27
CA SER A 140 16.70 -14.22 1.63
CA SER A 140 16.67 -14.20 1.66
C SER A 140 16.66 -13.28 0.41
C SER A 140 16.61 -13.22 0.47
N ALA A 141 15.59 -13.35 -0.37
CA ALA A 141 15.43 -12.48 -1.53
C ALA A 141 15.23 -11.04 -1.08
N ALA A 142 14.46 -10.86 -0.03
CA ALA A 142 14.27 -9.52 0.52
C ALA A 142 15.58 -8.93 1.04
N VAL A 143 16.37 -9.73 1.75
CA VAL A 143 17.67 -9.29 2.25
C VAL A 143 18.61 -8.93 1.09
N ASP A 144 18.65 -9.80 0.09
CA ASP A 144 19.51 -9.57 -1.07
C ASP A 144 19.10 -8.28 -1.81
N ALA A 145 17.83 -7.90 -1.73
CA ALA A 145 17.32 -6.68 -2.36
C ALA A 145 17.38 -5.45 -1.46
N GLY A 146 17.96 -5.60 -0.28
CA GLY A 146 18.18 -4.47 0.61
C GLY A 146 16.93 -3.95 1.28
N MET A 147 15.93 -4.81 1.40
CA MET A 147 14.68 -4.41 2.00
C MET A 147 14.82 -4.14 3.49
N LEU A 148 13.87 -3.36 3.99
CA LEU A 148 13.73 -3.15 5.41
C LEU A 148 13.24 -4.46 6.03
N ILE A 149 13.96 -4.97 7.00
CA ILE A 149 13.68 -6.25 7.62
C ILE A 149 13.33 -6.04 9.08
N ARG A 150 12.19 -6.55 9.50
CA ARG A 150 11.82 -6.61 10.91
C ARG A 150 11.59 -8.06 11.34
N THR A 151 12.37 -8.51 12.31
CA THR A 151 12.07 -9.76 13.01
C THR A 151 10.76 -9.58 13.75
N PRO A 152 10.20 -10.67 14.27
CA PRO A 152 9.00 -10.51 15.09
C PRO A 152 9.18 -9.50 16.23
N THR A 153 10.33 -9.55 16.90
CA THR A 153 10.58 -8.60 17.99
C THR A 153 10.63 -7.16 17.46
N GLN A 154 11.29 -6.95 16.33
CA GLN A 154 11.37 -5.62 15.73
C GLN A 154 9.99 -5.16 15.24
N ALA A 155 9.18 -6.09 14.78
CA ALA A 155 7.85 -5.74 14.30
C ALA A 155 7.01 -5.20 15.44
N ARG A 156 7.07 -5.87 16.58
CA ARG A 156 6.30 -5.48 17.75
C ARG A 156 6.86 -4.17 18.32
N GLN A 157 8.18 -4.03 18.33
CA GLN A 157 8.80 -2.77 18.76
C GLN A 157 8.37 -1.57 17.92
N LYS A 158 8.23 -1.75 16.60
CA LYS A 158 7.79 -0.67 15.73
C LYS A 158 6.39 -0.21 16.08
N VAL A 159 5.51 -1.17 16.34
CA VAL A 159 4.17 -0.81 16.77
C VAL A 159 4.22 -0.04 18.10
N ALA A 160 5.00 -0.54 19.06
CA ALA A 160 5.15 0.15 20.33
C ALA A 160 5.68 1.57 20.12
N ASP A 161 6.65 1.72 19.23
CA ASP A 161 7.24 3.05 18.96
C ASP A 161 6.23 3.99 18.35
N ASP A 162 5.42 3.49 17.43
CA ASP A 162 4.40 4.31 16.81
C ASP A 162 3.34 4.75 17.83
N VAL A 163 2.91 3.84 18.67
CA VAL A 163 1.96 4.16 19.73
C VAL A 163 2.55 5.23 20.63
N ASP A 164 3.81 5.05 21.03
CA ASP A 164 4.43 6.01 21.92
C ASP A 164 4.60 7.38 21.27
N ARG A 165 4.87 7.44 19.98
CA ARG A 165 5.00 8.70 19.29
C ARG A 165 3.66 9.41 19.27
N VAL A 166 2.58 8.69 18.99
CA VAL A 166 1.25 9.30 19.05
C VAL A 166 0.94 9.80 20.46
N ARG A 167 1.31 9.03 21.47
CA ARG A 167 1.05 9.45 22.85
C ARG A 167 1.78 10.72 23.21
N ARG A 168 2.96 10.95 22.62
CA ARG A 168 3.76 12.15 22.87
C ARG A 168 3.19 13.41 22.21
N GLU A 169 2.56 13.23 21.06
CA GLU A 169 2.22 14.36 20.20
C GLU A 169 0.75 14.73 20.26
N PHE A 170 -0.08 13.79 20.69
CA PHE A 170 -1.51 13.91 20.69
C PHE A 170 -2.10 13.54 22.05
N VAL A 171 -3.34 13.91 22.28
CA VAL A 171 -4.07 13.45 23.45
C VAL A 171 -5.08 12.41 23.01
N VAL A 172 -4.91 11.19 23.52
CA VAL A 172 -5.64 10.02 23.02
C VAL A 172 -6.66 9.55 24.04
N ASN A 173 -7.84 9.15 23.57
CA ASN A 173 -8.83 8.51 24.41
C ASN A 173 -8.22 7.39 25.26
N ASP A 174 -8.49 7.39 26.56
CA ASP A 174 -7.87 6.46 27.48
C ASP A 174 -8.14 5.01 27.10
N LYS A 175 -9.35 4.72 26.63
CA LYS A 175 -9.68 3.34 26.30
C LYS A 175 -8.93 2.88 25.05
N ARG A 176 -8.73 3.78 24.11
CA ARG A 176 -7.97 3.49 22.92
C ARG A 176 -6.53 3.13 23.30
N LEU A 177 -5.94 3.99 24.13
CA LEU A 177 -4.59 3.77 24.62
C LEU A 177 -4.48 2.42 25.29
N HIS A 178 -5.45 2.11 26.13
CA HIS A 178 -5.42 0.83 26.85
C HIS A 178 -5.57 -0.35 25.91
N ARG A 179 -6.41 -0.21 24.89
CA ARG A 179 -6.53 -1.26 23.86
C ARG A 179 -5.17 -1.55 23.23
N TRP A 180 -4.47 -0.51 22.78
CA TRP A 180 -3.21 -0.73 22.10
C TRP A 180 -2.20 -1.34 23.06
N GLN A 181 -2.17 -0.87 24.31
CA GLN A 181 -1.22 -1.41 25.27
C GLN A 181 -1.51 -2.86 25.57
N ARG A 182 -2.79 -3.19 25.76
CA ARG A 182 -3.17 -4.57 26.00
C ARG A 182 -2.74 -5.45 24.83
N TRP A 183 -2.94 -4.97 23.61
CA TRP A 183 -2.54 -5.71 22.44
C TRP A 183 -1.03 -5.94 22.44
N LEU A 184 -0.26 -4.89 22.68
CA LEU A 184 1.19 -5.02 22.71
C LEU A 184 1.65 -6.01 23.76
N ASP A 185 0.88 -6.18 24.83
CA ASP A 185 1.26 -7.04 25.93
C ASP A 185 0.70 -8.44 25.80
N ASP A 186 -0.12 -8.66 24.76
CA ASP A 186 -0.80 -9.95 24.58
C ASP A 186 0.04 -10.89 23.70
N ASP A 187 0.93 -11.66 24.33
CA ASP A 187 1.88 -12.46 23.59
C ASP A 187 1.20 -13.35 22.54
N SER A 188 0.06 -13.93 22.87
CA SER A 188 -0.58 -14.88 21.97
C SER A 188 -1.07 -14.28 20.66
N SER A 189 -1.21 -12.96 20.60
CA SER A 189 -1.71 -12.32 19.40
C SER A 189 -0.64 -12.26 18.32
N TRP A 190 0.61 -12.15 18.73
CA TRP A 190 1.71 -11.75 17.83
C TRP A 190 2.31 -12.96 17.14
N PRO A 191 2.62 -12.81 15.84
CA PRO A 191 3.25 -13.94 15.14
C PRO A 191 4.69 -14.15 15.56
N ASP A 192 5.12 -15.39 15.37
N ASP A 192 5.21 -15.35 15.42
CA ASP A 192 6.48 -15.82 15.66
CA ASP A 192 6.64 -15.58 15.72
C ASP A 192 7.33 -15.88 14.39
C ASP A 192 7.48 -15.65 14.47
N PHE A 193 6.96 -15.08 13.38
CA PHE A 193 7.69 -15.00 12.14
C PHE A 193 7.25 -13.72 11.43
N SER A 194 8.06 -13.30 10.47
CA SER A 194 7.73 -12.18 9.58
C SER A 194 7.75 -12.66 8.15
N VAL A 195 7.15 -11.89 7.26
CA VAL A 195 7.09 -12.20 5.82
C VAL A 195 7.26 -10.94 5.02
N VAL A 196 7.54 -11.09 3.73
CA VAL A 196 7.48 -9.94 2.81
C VAL A 196 6.05 -9.45 2.73
N VAL A 197 5.82 -8.19 3.12
CA VAL A 197 4.51 -7.57 3.06
C VAL A 197 4.51 -6.40 2.08
N HIS A 198 3.36 -6.17 1.50
CA HIS A 198 3.14 -5.02 0.64
C HIS A 198 3.15 -3.73 1.45
N GLY A 199 2.53 -3.76 2.64
CA GLY A 199 2.59 -2.65 3.58
C GLY A 199 1.54 -1.58 3.47
N ASP A 200 0.86 -1.50 2.33
CA ASP A 200 -0.22 -0.52 2.11
C ASP A 200 -1.31 -1.14 1.24
N LEU A 201 -1.76 -2.32 1.64
CA LEU A 201 -2.54 -3.16 0.74
C LEU A 201 -4.01 -3.04 1.04
N TYR A 202 -4.78 -2.65 0.03
CA TYR A 202 -6.25 -2.58 0.12
C TYR A 202 -6.74 -2.61 -1.31
N VAL A 203 -8.04 -2.67 -1.49
CA VAL A 203 -8.60 -2.80 -2.84
C VAL A 203 -8.11 -1.73 -3.83
N GLY A 204 -7.82 -0.51 -3.38
CA GLY A 204 -7.31 0.52 -4.28
C GLY A 204 -5.90 0.28 -4.84
N HIS A 205 -5.14 -0.64 -4.25
CA HIS A 205 -3.81 -0.99 -4.76
C HIS A 205 -3.74 -2.38 -5.35
N VAL A 206 -4.90 -2.99 -5.58
CA VAL A 206 -4.98 -4.29 -6.21
C VAL A 206 -5.60 -4.11 -7.59
N LEU A 207 -4.99 -4.70 -8.62
CA LEU A 207 -5.56 -4.71 -9.95
C LEU A 207 -6.27 -6.02 -10.23
N ILE A 208 -7.34 -5.93 -11.01
CA ILE A 208 -8.16 -7.08 -11.36
C ILE A 208 -8.41 -7.07 -12.84
N ASP A 209 -8.51 -8.26 -13.40
CA ASP A 209 -8.91 -8.37 -14.80
C ASP A 209 -10.45 -8.27 -14.89
N ASN A 210 -10.98 -8.36 -16.11
CA ASN A 210 -12.41 -8.15 -16.33
C ASN A 210 -13.31 -9.11 -15.56
N THR A 211 -12.75 -10.27 -15.21
CA THR A 211 -13.50 -11.29 -14.48
C THR A 211 -13.40 -11.09 -12.98
N GLU A 212 -12.65 -10.07 -12.56
CA GLU A 212 -12.46 -9.71 -11.16
C GLU A 212 -11.38 -10.57 -10.51
N ARG A 213 -10.59 -11.23 -11.33
CA ARG A 213 -9.43 -11.97 -10.82
C ARG A 213 -8.24 -11.05 -10.58
N VAL A 214 -7.60 -11.18 -9.43
CA VAL A 214 -6.42 -10.37 -9.12
C VAL A 214 -5.37 -10.62 -10.19
N SER A 215 -4.88 -9.53 -10.78
CA SER A 215 -3.89 -9.60 -11.84
C SER A 215 -2.64 -8.76 -11.55
N GLY A 216 -2.65 -7.98 -10.49
CA GLY A 216 -1.52 -7.10 -10.21
C GLY A 216 -1.69 -6.41 -8.86
N MET A 217 -0.62 -5.79 -8.40
CA MET A 217 -0.67 -4.91 -7.24
C MET A 217 0.24 -3.73 -7.51
N ILE A 218 -0.14 -2.55 -7.02
CA ILE A 218 0.62 -1.33 -7.25
C ILE A 218 0.92 -0.65 -5.93
N ASP A 219 1.74 0.40 -6.00
CA ASP A 219 2.03 1.32 -4.89
C ASP A 219 2.74 0.56 -3.74
N TRP A 220 3.98 0.15 -4.01
CA TRP A 220 4.78 -0.71 -3.14
C TRP A 220 5.72 0.03 -2.18
N SER A 221 5.50 1.31 -1.96
N SER A 221 5.51 1.32 -1.98
CA SER A 221 6.45 2.13 -1.19
CA SER A 221 6.44 2.12 -1.18
C SER A 221 6.59 1.72 0.26
C SER A 221 6.66 1.58 0.22
N GLU A 222 5.61 1.01 0.81
CA GLU A 222 5.66 0.56 2.20
C GLU A 222 6.14 -0.90 2.36
N ALA A 223 6.59 -1.51 1.28
CA ALA A 223 6.94 -2.92 1.33
C ALA A 223 8.16 -3.13 2.22
N ARG A 224 8.19 -4.27 2.90
CA ARG A 224 9.20 -4.57 3.91
C ARG A 224 8.98 -5.98 4.37
N VAL A 225 9.84 -6.50 5.23
CA VAL A 225 9.58 -7.78 5.88
C VAL A 225 9.06 -7.47 7.26
N ASP A 226 7.87 -7.95 7.59
CA ASP A 226 7.19 -7.53 8.81
C ASP A 226 6.02 -8.48 9.08
N ASP A 227 5.14 -8.08 9.98
CA ASP A 227 3.98 -8.85 10.42
C ASP A 227 2.99 -9.10 9.27
N PRO A 228 2.69 -10.37 8.94
CA PRO A 228 1.78 -10.65 7.83
C PRO A 228 0.42 -9.98 7.93
N ALA A 229 -0.06 -9.79 9.15
CA ALA A 229 -1.39 -9.23 9.37
C ALA A 229 -1.51 -7.79 8.82
N ILE A 230 -0.39 -7.11 8.64
CA ILE A 230 -0.38 -5.77 8.05
C ILE A 230 -1.16 -5.76 6.75
N ASP A 231 -1.04 -6.84 5.96
CA ASP A 231 -1.65 -6.91 4.64
C ASP A 231 -3.09 -7.47 4.64
N MET A 232 -3.64 -7.74 5.82
N MET A 232 -3.65 -7.76 5.81
CA MET A 232 -4.97 -8.30 5.95
CA MET A 232 -5.03 -8.25 5.88
C MET A 232 -5.97 -7.36 6.62
C MET A 232 -6.01 -7.29 6.55
N ALA A 233 -5.50 -6.32 7.29
CA ALA A 233 -6.36 -5.38 8.00
C ALA A 233 -7.38 -4.72 7.07
N ALA A 234 -6.96 -4.30 5.89
CA ALA A 234 -7.87 -3.61 5.00
C ALA A 234 -8.91 -4.52 4.43
N HIS A 235 -8.60 -5.80 4.30
CA HIS A 235 -9.59 -6.77 3.84
C HIS A 235 -10.70 -6.92 4.86
N LEU A 236 -10.33 -6.97 6.14
CA LEU A 236 -11.33 -6.97 7.20
C LEU A 236 -12.18 -5.70 7.17
N MET A 237 -11.56 -4.55 6.97
N MET A 237 -11.52 -4.57 6.93
CA MET A 237 -12.39 -3.36 6.94
CA MET A 237 -12.21 -3.28 6.90
C MET A 237 -13.42 -3.42 5.83
C MET A 237 -13.28 -3.20 5.79
N VAL A 238 -12.97 -3.76 4.63
CA VAL A 238 -13.82 -3.64 3.45
C VAL A 238 -14.82 -4.76 3.32
N PHE A 239 -14.43 -5.97 3.71
CA PHE A 239 -15.23 -7.18 3.51
C PHE A 239 -15.76 -7.84 4.79
N GLY A 240 -15.43 -7.25 5.94
CA GLY A 240 -16.01 -7.69 7.21
C GLY A 240 -15.43 -8.98 7.72
N GLU A 241 -15.97 -9.44 8.85
CA GLU A 241 -15.50 -10.66 9.45
C GLU A 241 -15.77 -11.85 8.56
N GLU A 242 -16.87 -11.84 7.81
CA GLU A 242 -17.15 -12.96 6.89
C GLU A 242 -16.10 -13.02 5.78
N GLY A 243 -15.75 -11.87 5.22
CA GLY A 243 -14.72 -11.80 4.22
C GLY A 243 -13.38 -12.24 4.79
N LEU A 244 -13.08 -11.81 6.01
CA LEU A 244 -11.84 -12.24 6.64
C LEU A 244 -11.79 -13.76 6.84
N ALA A 245 -12.90 -14.34 7.27
CA ALA A 245 -12.90 -15.78 7.48
C ALA A 245 -12.60 -16.55 6.18
N LYS A 246 -13.20 -16.11 5.09
CA LYS A 246 -12.98 -16.75 3.80
C LYS A 246 -11.51 -16.56 3.39
N LEU A 247 -10.99 -15.36 3.58
CA LEU A 247 -9.60 -15.09 3.25
C LEU A 247 -8.68 -16.05 4.00
N LEU A 248 -8.88 -16.19 5.30
CA LEU A 248 -7.94 -17.00 6.07
C LEU A 248 -8.01 -18.48 5.67
N LEU A 249 -9.19 -18.99 5.36
CA LEU A 249 -9.29 -20.40 4.97
C LEU A 249 -8.51 -20.64 3.67
N THR A 250 -8.72 -19.78 2.69
CA THR A 250 -8.07 -19.98 1.40
C THR A 250 -6.58 -19.66 1.44
N TYR A 251 -6.20 -18.62 2.18
CA TYR A 251 -4.80 -18.27 2.36
C TYR A 251 -4.05 -19.46 2.92
N GLU A 252 -4.59 -20.06 3.97
CA GLU A 252 -3.95 -21.21 4.57
C GLU A 252 -3.90 -22.38 3.59
N ALA A 253 -4.99 -22.63 2.87
CA ALA A 253 -5.01 -23.74 1.91
C ALA A 253 -3.99 -23.55 0.80
N ALA A 254 -3.70 -22.29 0.50
CA ALA A 254 -2.73 -21.95 -0.53
C ALA A 254 -1.30 -21.94 -0.04
N GLY A 255 -1.08 -22.33 1.21
CA GLY A 255 0.25 -22.42 1.78
C GLY A 255 0.62 -21.29 2.72
N GLY A 256 -0.26 -20.30 2.89
CA GLY A 256 0.06 -19.20 3.79
C GLY A 256 0.15 -19.69 5.22
N ARG A 257 1.14 -19.18 5.93
CA ARG A 257 1.35 -19.55 7.31
C ARG A 257 0.44 -18.75 8.22
N VAL A 258 -0.29 -19.45 9.08
CA VAL A 258 -1.20 -18.81 10.00
C VAL A 258 -0.82 -19.16 11.44
N TRP A 259 -1.52 -18.55 12.38
CA TRP A 259 -1.38 -18.89 13.79
C TRP A 259 -2.74 -18.77 14.42
N PRO A 260 -2.92 -19.36 15.61
CA PRO A 260 -4.31 -19.49 16.06
C PRO A 260 -5.07 -18.17 16.29
N ARG A 261 -4.38 -17.13 16.75
CA ARG A 261 -5.04 -15.86 17.02
C ARG A 261 -4.86 -14.86 15.91
N LEU A 262 -4.58 -15.33 14.70
CA LEU A 262 -4.43 -14.43 13.56
C LEU A 262 -5.63 -13.52 13.34
N ALA A 263 -6.84 -14.05 13.36
CA ALA A 263 -8.02 -13.21 13.10
C ALA A 263 -8.10 -12.09 14.11
N HIS A 264 -7.89 -12.44 15.38
CA HIS A 264 -7.88 -11.44 16.43
C HIS A 264 -6.82 -10.37 16.16
N HIS A 265 -5.62 -10.82 15.81
CA HIS A 265 -4.52 -9.91 15.61
C HIS A 265 -4.79 -8.96 14.47
N ILE A 266 -5.45 -9.44 13.42
CA ILE A 266 -5.79 -8.59 12.29
C ILE A 266 -6.73 -7.46 12.72
N ALA A 267 -7.71 -7.79 13.55
CA ALA A 267 -8.62 -6.77 14.06
C ALA A 267 -7.87 -5.74 14.90
N GLU A 268 -6.90 -6.17 15.70
CA GLU A 268 -6.10 -5.22 16.48
C GLU A 268 -5.24 -4.36 15.56
N ARG A 269 -4.70 -4.96 14.50
CA ARG A 269 -3.96 -4.20 13.49
C ARG A 269 -4.86 -3.16 12.83
N LEU A 270 -6.11 -3.50 12.56
CA LEU A 270 -7.02 -2.57 11.95
C LEU A 270 -7.24 -1.38 12.89
N ALA A 271 -7.45 -1.64 14.19
CA ALA A 271 -7.62 -0.57 15.17
C ALA A 271 -6.39 0.32 15.23
N PHE A 272 -5.22 -0.28 15.10
CA PHE A 272 -3.94 0.42 15.06
C PHE A 272 -3.83 1.36 13.86
N GLY A 273 -4.67 1.20 12.85
CA GLY A 273 -4.73 2.15 11.75
C GLY A 273 -4.92 3.59 12.21
N ALA A 274 -5.54 3.82 13.35
CA ALA A 274 -5.68 5.19 13.87
C ALA A 274 -4.32 5.80 14.16
N VAL A 275 -3.40 4.96 14.64
CA VAL A 275 -2.02 5.39 14.91
C VAL A 275 -1.33 5.73 13.59
N THR A 276 -1.44 4.83 12.64
CA THR A 276 -0.84 5.06 11.34
C THR A 276 -1.32 6.34 10.70
N TYR A 277 -2.62 6.55 10.75
CA TYR A 277 -3.20 7.77 10.19
C TYR A 277 -2.71 9.01 10.93
N ALA A 278 -2.67 8.95 12.25
CA ALA A 278 -2.25 10.11 13.01
C ALA A 278 -0.81 10.50 12.70
N LEU A 279 0.08 9.51 12.57
CA LEU A 279 1.46 9.80 12.27
C LEU A 279 1.63 10.32 10.84
N PHE A 280 0.84 9.79 9.91
CA PHE A 280 0.81 10.32 8.56
C PHE A 280 0.38 11.77 8.58
N ALA A 281 -0.68 12.07 9.32
CA ALA A 281 -1.16 13.44 9.44
C ALA A 281 -0.08 14.35 10.01
N LEU A 282 0.56 13.92 11.09
CA LEU A 282 1.59 14.70 11.75
C LEU A 282 2.76 14.95 10.81
N ASP A 283 3.22 13.92 10.12
CA ASP A 283 4.37 14.06 9.23
C ASP A 283 4.00 14.87 7.98
N SER A 284 2.72 14.90 7.63
CA SER A 284 2.25 15.60 6.44
C SER A 284 2.26 17.11 6.62
N GLY A 285 2.04 17.56 7.85
CA GLY A 285 1.89 18.97 8.16
C GLY A 285 0.57 19.56 7.69
N ASN A 286 -0.30 18.72 7.14
CA ASN A 286 -1.58 19.16 6.63
C ASN A 286 -2.59 19.31 7.75
N GLU A 287 -3.14 20.51 7.90
CA GLU A 287 -4.01 20.78 9.04
C GLU A 287 -5.34 20.05 8.95
N GLU A 288 -5.83 19.77 7.74
CA GLU A 288 -7.09 19.06 7.61
C GLU A 288 -6.90 17.59 8.04
N TYR A 289 -5.80 16.99 7.63
CA TYR A 289 -5.51 15.62 8.06
C TYR A 289 -5.30 15.57 9.56
N LEU A 290 -4.57 16.55 10.08
CA LEU A 290 -4.34 16.62 11.53
C LEU A 290 -5.64 16.78 12.27
N ALA A 291 -6.54 17.62 11.80
CA ALA A 291 -7.84 17.80 12.45
C ALA A 291 -8.59 16.47 12.54
N ALA A 292 -8.58 15.71 11.46
CA ALA A 292 -9.25 14.42 11.44
C ALA A 292 -8.59 13.45 12.39
N ALA A 293 -7.27 13.46 12.43
CA ALA A 293 -6.56 12.51 13.27
C ALA A 293 -6.84 12.81 14.74
N LYS A 294 -6.74 14.07 15.13
CA LYS A 294 -6.99 14.44 16.51
C LYS A 294 -8.39 14.07 16.94
N ALA A 295 -9.36 14.31 16.06
CA ALA A 295 -10.73 13.99 16.39
C ALA A 295 -10.92 12.50 16.58
N GLN A 296 -10.31 11.71 15.71
CA GLN A 296 -10.41 10.27 15.83
C GLN A 296 -9.75 9.79 17.12
N LEU A 297 -8.54 10.25 17.39
CA LEU A 297 -7.82 9.76 18.54
C LEU A 297 -8.51 10.09 19.87
N ALA A 298 -9.13 11.27 19.97
CA ALA A 298 -9.77 11.69 21.21
C ALA A 298 -11.08 10.94 21.42
N ALA A 299 -11.67 10.46 20.34
CA ALA A 299 -12.96 9.78 20.36
C ALA A 299 -12.86 8.37 20.88
N ALA A 300 -13.90 7.95 21.58
CA ALA A 300 -14.01 6.56 21.95
C ALA A 300 -14.22 5.73 20.68
N GLU A 301 -13.59 4.56 20.67
CA GLU A 301 -13.76 3.62 19.57
C GLU A 301 -15.12 3.01 19.67
#